data_3AB8
#
_entry.id   3AB8
#
_cell.length_a   38.910
_cell.length_b   53.774
_cell.length_c   63.429
_cell.angle_alpha   78.91
_cell.angle_beta   72.12
_cell.angle_gamma   69.66
#
_symmetry.space_group_name_H-M   'P 1'
#
loop_
_entity.id
_entity.type
_entity.pdbx_description
1 polymer 'Putative uncharacterized protein TTHA0350'
2 non-polymer "ADENOSINE-5'-TRIPHOSPHATE"
3 non-polymer 'MAGNESIUM ION'
4 water water
#
_entity_poly.entity_id   1
_entity_poly.type   'polypeptide(L)'
_entity_poly.pdbx_seq_one_letter_code
;MRILLATDGSPQARGAEALAEWLAYKLSAPLTVLFVVDTRLARIPELLDFGALTVPVPVLRTELERALALRGEAVLERVR
QSALAAGVAVEAVLEEGVPHEAILRRARAADLLVLGRSGEAHGDGFGGLGSTADRVLRASPVPVLLAPGEPVELEGALLG
YDASESAVRALHALAPLARALGLGVRVVSVHEDPARAEAWALEAEAYLRDHGVEASALVLGGDAADHLLRLQGPGDLLAL
GAPVRRLVFGSTAERVIRNAQGPVLTAR
;
_entity_poly.pdbx_strand_id   A,B
#
# COMPACT_ATOMS: atom_id res chain seq x y z
N MET A 1 2.84 13.89 2.63
CA MET A 1 3.59 12.80 1.94
C MET A 1 5.07 12.99 2.26
N ARG A 2 5.63 12.06 3.03
CA ARG A 2 7.02 12.12 3.46
C ARG A 2 7.96 11.33 2.55
N ILE A 3 8.99 12.00 2.03
CA ILE A 3 9.97 11.34 1.18
C ILE A 3 11.22 11.03 1.98
N LEU A 4 11.72 9.80 1.86
CA LEU A 4 12.93 9.40 2.56
C LEU A 4 14.04 9.11 1.55
N LEU A 5 15.06 9.96 1.58
CA LEU A 5 16.21 9.78 0.70
C LEU A 5 17.30 9.06 1.45
N ALA A 6 17.76 7.94 0.90
CA ALA A 6 18.84 7.20 1.53
C ALA A 6 20.06 7.41 0.64
N THR A 7 21.15 7.94 1.22
CA THR A 7 22.35 8.17 0.43
C THR A 7 23.62 7.80 1.17
N ASP A 8 24.59 7.26 0.43
CA ASP A 8 25.88 6.91 1.01
C ASP A 8 26.91 7.96 0.58
N GLY A 9 26.41 9.02 -0.03
CA GLY A 9 27.27 10.13 -0.47
C GLY A 9 28.18 9.84 -1.64
N SER A 10 27.99 8.70 -2.30
CA SER A 10 28.80 8.32 -3.44
C SER A 10 28.34 8.95 -4.75
N PRO A 11 29.19 8.91 -5.79
CA PRO A 11 28.79 9.48 -7.08
C PRO A 11 27.55 8.78 -7.60
N GLN A 12 27.48 7.47 -7.43
CA GLN A 12 26.35 6.68 -7.89
C GLN A 12 25.04 7.08 -7.20
N ALA A 13 25.15 7.75 -6.05
CA ALA A 13 23.96 8.17 -5.32
C ALA A 13 23.56 9.61 -5.63
N ARG A 14 24.35 10.29 -6.45
CA ARG A 14 24.07 11.69 -6.77
C ARG A 14 22.72 11.90 -7.48
N GLY A 15 22.35 10.95 -8.34
CA GLY A 15 21.08 11.07 -9.05
C GLY A 15 19.91 11.00 -8.09
N ALA A 16 19.99 10.09 -7.13
CA ALA A 16 18.93 9.91 -6.13
C ALA A 16 18.79 11.17 -5.29
N GLU A 17 19.92 11.75 -4.87
CA GLU A 17 19.89 12.96 -4.07
C GLU A 17 19.18 14.08 -4.83
N ALA A 18 19.54 14.26 -6.09
CA ALA A 18 18.94 15.31 -6.92
C ALA A 18 17.45 15.06 -7.15
N LEU A 19 17.09 13.81 -7.42
CA LEU A 19 15.69 13.47 -7.68
C LEU A 19 14.83 13.66 -6.44
N ALA A 20 15.32 13.22 -5.28
CA ALA A 20 14.56 13.37 -4.05
C ALA A 20 14.29 14.84 -3.77
N GLU A 21 15.29 15.69 -3.97
CA GLU A 21 15.12 17.12 -3.74
C GLU A 21 14.15 17.72 -4.76
N TRP A 22 14.31 17.33 -6.01
CA TRP A 22 13.45 17.80 -7.11
C TRP A 22 12.00 17.40 -6.83
N LEU A 23 11.80 16.16 -6.40
CA LEU A 23 10.45 15.68 -6.09
C LEU A 23 9.86 16.41 -4.89
N ALA A 24 10.65 16.57 -3.83
CA ALA A 24 10.17 17.26 -2.64
C ALA A 24 9.67 18.65 -3.01
N TYR A 25 10.44 19.33 -3.84
CA TYR A 25 10.08 20.66 -4.28
C TYR A 25 8.80 20.66 -5.14
N LYS A 26 8.80 19.82 -6.17
CA LYS A 26 7.65 19.72 -7.07
C LYS A 26 6.35 19.33 -6.36
N LEU A 27 6.47 18.46 -5.36
CA LEU A 27 5.30 17.98 -4.63
C LEU A 27 5.01 18.71 -3.32
N SER A 28 5.88 19.65 -2.95
CA SER A 28 5.72 20.38 -1.69
C SER A 28 5.67 19.38 -0.55
N ALA A 29 6.56 18.40 -0.60
CA ALA A 29 6.62 17.36 0.41
C ALA A 29 7.90 17.46 1.25
N PRO A 30 7.81 17.13 2.54
CA PRO A 30 8.96 17.17 3.44
C PRO A 30 9.94 16.05 3.11
N LEU A 31 11.23 16.31 3.30
CA LEU A 31 12.25 15.33 2.98
C LEU A 31 13.13 14.95 4.16
N THR A 32 13.33 13.66 4.33
CA THR A 32 14.20 13.14 5.37
C THR A 32 15.37 12.53 4.62
N VAL A 33 16.59 12.90 5.01
CA VAL A 33 17.79 12.36 4.38
C VAL A 33 18.48 11.47 5.40
N LEU A 34 18.75 10.24 5.01
CA LEU A 34 19.37 9.25 5.89
C LEU A 34 20.72 8.72 5.40
N PHE A 35 21.70 8.69 6.30
CA PHE A 35 23.01 8.14 5.99
C PHE A 35 23.23 7.07 7.06
N VAL A 36 23.64 5.89 6.66
CA VAL A 36 23.87 4.81 7.61
C VAL A 36 25.34 4.48 7.77
N VAL A 37 25.82 4.51 9.02
CA VAL A 37 27.20 4.16 9.32
C VAL A 37 27.18 2.64 9.21
N ASP A 38 27.87 2.12 8.20
CA ASP A 38 27.89 0.69 7.89
C ASP A 38 28.66 -0.20 8.87
N THR A 39 27.92 -0.96 9.68
CA THR A 39 28.54 -1.86 10.64
C THR A 39 29.31 -2.98 9.97
N ARG A 40 29.01 -3.26 8.70
CA ARG A 40 29.71 -4.31 7.99
C ARG A 40 31.14 -3.86 7.73
N LEU A 41 31.36 -2.56 7.73
CA LEU A 41 32.71 -2.04 7.53
C LEU A 41 33.39 -1.94 8.91
N ALA A 42 32.65 -1.39 9.88
CA ALA A 42 33.18 -1.23 11.22
C ALA A 42 33.49 -2.56 11.90
N ARG A 43 32.83 -3.64 11.48
CA ARG A 43 33.04 -4.96 12.08
C ARG A 43 34.23 -5.73 11.54
N ILE A 44 34.84 -5.22 10.47
CA ILE A 44 35.98 -5.92 9.87
C ILE A 44 37.05 -6.33 10.88
N PRO A 45 37.44 -5.42 11.78
CA PRO A 45 38.47 -5.79 12.77
C PRO A 45 38.05 -7.01 13.60
N GLU A 46 36.76 -7.15 13.85
CA GLU A 46 36.23 -8.26 14.65
C GLU A 46 36.25 -9.60 13.92
N LEU A 47 35.98 -9.59 12.61
CA LEU A 47 35.98 -10.82 11.84
C LEU A 47 37.38 -11.44 11.79
N LEU A 48 38.39 -10.60 11.99
CA LEU A 48 39.77 -11.06 11.97
C LEU A 48 40.15 -11.75 13.29
N PRO A 56 43.70 -5.04 20.18
CA PRO A 56 42.76 -4.00 20.59
C PRO A 56 41.65 -3.80 19.56
N VAL A 57 40.98 -4.90 19.20
CA VAL A 57 39.90 -4.85 18.22
C VAL A 57 38.84 -3.79 18.53
N PRO A 58 38.40 -3.71 19.80
CA PRO A 58 37.38 -2.71 20.14
C PRO A 58 37.83 -1.28 19.82
N VAL A 59 39.12 -1.02 20.00
CA VAL A 59 39.65 0.31 19.71
C VAL A 59 39.65 0.55 18.20
N LEU A 60 40.11 -0.44 17.43
CA LEU A 60 40.14 -0.32 15.99
C LEU A 60 38.73 -0.10 15.45
N ARG A 61 37.77 -0.85 15.99
CA ARG A 61 36.39 -0.71 15.54
C ARG A 61 35.88 0.69 15.82
N THR A 62 36.18 1.22 17.00
CA THR A 62 35.74 2.56 17.37
C THR A 62 36.34 3.61 16.45
N GLU A 63 37.61 3.44 16.09
CA GLU A 63 38.28 4.39 15.22
C GLU A 63 37.63 4.39 13.83
N LEU A 64 37.27 3.19 13.35
CA LEU A 64 36.62 3.10 12.04
C LEU A 64 35.22 3.69 12.07
N GLU A 65 34.47 3.41 13.13
CA GLU A 65 33.12 3.94 13.27
C GLU A 65 33.16 5.46 13.30
N ARG A 66 34.14 6.00 14.01
CA ARG A 66 34.30 7.45 14.13
C ARG A 66 34.52 8.08 12.76
N ALA A 67 35.35 7.44 11.94
CA ALA A 67 35.63 7.96 10.60
C ALA A 67 34.38 7.86 9.73
N LEU A 68 33.71 6.73 9.80
CA LEU A 68 32.50 6.51 9.02
C LEU A 68 31.39 7.49 9.42
N ALA A 69 31.27 7.74 10.72
CA ALA A 69 30.25 8.66 11.22
C ALA A 69 30.55 10.09 10.79
N LEU A 70 31.83 10.47 10.83
CA LEU A 70 32.18 11.82 10.43
C LEU A 70 31.91 12.00 8.94
N ARG A 71 32.19 10.97 8.14
CA ARG A 71 31.93 11.06 6.72
C ARG A 71 30.43 11.23 6.53
N GLY A 72 29.67 10.48 7.30
CA GLY A 72 28.22 10.55 7.22
C GLY A 72 27.69 11.94 7.53
N GLU A 73 28.24 12.57 8.57
CA GLU A 73 27.80 13.91 8.92
C GLU A 73 28.07 14.90 7.79
N ALA A 74 29.20 14.72 7.12
CA ALA A 74 29.57 15.61 6.01
C ALA A 74 28.59 15.44 4.85
N VAL A 75 28.20 14.21 4.57
CA VAL A 75 27.26 13.92 3.50
C VAL A 75 25.91 14.54 3.84
N LEU A 76 25.45 14.29 5.06
CA LEU A 76 24.17 14.84 5.50
C LEU A 76 24.15 16.36 5.44
N GLU A 77 25.22 16.99 5.89
CA GLU A 77 25.30 18.44 5.86
C GLU A 77 25.28 18.97 4.44
N ARG A 78 25.94 18.24 3.53
CA ARG A 78 25.95 18.67 2.14
C ARG A 78 24.55 18.62 1.54
N VAL A 79 23.86 17.50 1.73
CA VAL A 79 22.50 17.37 1.20
C VAL A 79 21.55 18.32 1.89
N ARG A 80 21.72 18.52 3.19
CA ARG A 80 20.86 19.42 3.95
C ARG A 80 21.00 20.84 3.38
N GLN A 81 22.25 21.24 3.11
CA GLN A 81 22.51 22.56 2.55
C GLN A 81 21.84 22.71 1.19
N SER A 82 21.99 21.70 0.34
CA SER A 82 21.39 21.72 -0.98
C SER A 82 19.87 21.83 -0.91
N ALA A 83 19.28 20.99 -0.06
CA ALA A 83 17.83 20.97 0.12
C ALA A 83 17.29 22.31 0.62
N LEU A 84 17.96 22.90 1.60
CA LEU A 84 17.54 24.19 2.14
C LEU A 84 17.59 25.25 1.07
N ALA A 85 18.64 25.20 0.25
CA ALA A 85 18.81 26.17 -0.83
C ALA A 85 17.66 26.09 -1.82
N ALA A 86 17.11 24.89 -1.97
CA ALA A 86 16.01 24.66 -2.90
C ALA A 86 14.66 25.01 -2.27
N GLY A 87 14.67 25.32 -0.98
CA GLY A 87 13.43 25.67 -0.30
C GLY A 87 12.68 24.46 0.22
N VAL A 88 13.39 23.34 0.35
CA VAL A 88 12.78 22.11 0.84
C VAL A 88 12.89 21.96 2.35
N ALA A 89 11.79 21.54 2.98
CA ALA A 89 11.77 21.31 4.42
C ALA A 89 12.50 19.98 4.59
N VAL A 90 13.73 20.05 5.06
CA VAL A 90 14.56 18.86 5.21
C VAL A 90 15.02 18.53 6.63
N GLU A 91 15.13 17.24 6.91
CA GLU A 91 15.61 16.77 8.19
C GLU A 91 16.66 15.71 7.88
N ALA A 92 17.73 15.68 8.67
CA ALA A 92 18.80 14.71 8.44
C ALA A 92 18.91 13.72 9.59
N VAL A 93 19.12 12.46 9.23
CA VAL A 93 19.24 11.39 10.22
C VAL A 93 20.50 10.58 9.98
N LEU A 94 21.26 10.35 11.05
CA LEU A 94 22.49 9.57 10.98
C LEU A 94 22.32 8.37 11.89
N GLU A 95 22.37 7.17 11.33
CA GLU A 95 22.24 5.96 12.14
C GLU A 95 23.36 4.98 11.85
N GLU A 96 23.52 3.99 12.73
CA GLU A 96 24.55 2.98 12.52
C GLU A 96 23.87 1.62 12.49
N GLY A 97 24.32 0.78 11.57
CA GLY A 97 23.77 -0.55 11.44
C GLY A 97 24.02 -1.06 10.04
N VAL A 98 23.27 -2.07 9.64
CA VAL A 98 23.39 -2.61 8.29
C VAL A 98 22.50 -1.70 7.46
N PRO A 99 23.07 -1.06 6.42
CA PRO A 99 22.30 -0.15 5.57
C PRO A 99 20.87 -0.52 5.22
N HIS A 100 20.65 -1.67 4.56
CA HIS A 100 19.30 -2.03 4.18
C HIS A 100 18.36 -2.20 5.36
N GLU A 101 18.89 -2.67 6.50
CA GLU A 101 18.05 -2.85 7.67
C GLU A 101 17.61 -1.49 8.25
N ALA A 102 18.56 -0.56 8.35
CA ALA A 102 18.29 0.77 8.89
C ALA A 102 17.34 1.53 7.99
N ILE A 103 17.55 1.40 6.68
CA ILE A 103 16.70 2.08 5.72
C ILE A 103 15.28 1.52 5.81
N LEU A 104 15.16 0.20 5.90
CA LEU A 104 13.85 -0.43 6.01
C LEU A 104 13.12 -0.03 7.29
N ARG A 105 13.87 0.18 8.37
CA ARG A 105 13.25 0.59 9.62
C ARG A 105 12.72 2.01 9.49
N ARG A 106 13.53 2.91 8.93
CA ARG A 106 13.11 4.30 8.76
C ARG A 106 12.00 4.44 7.71
N ALA A 107 11.90 3.46 6.81
CA ALA A 107 10.89 3.49 5.76
C ALA A 107 9.47 3.39 6.32
N ARG A 108 9.33 2.80 7.50
CA ARG A 108 8.02 2.64 8.10
C ARG A 108 7.34 4.00 8.35
N ALA A 109 8.15 5.05 8.46
CA ALA A 109 7.63 6.39 8.72
C ALA A 109 7.60 7.28 7.47
N ALA A 110 7.93 6.69 6.31
CA ALA A 110 7.95 7.43 5.04
C ALA A 110 6.88 6.93 4.09
N ASP A 111 6.61 7.69 3.02
CA ASP A 111 5.61 7.31 2.03
C ASP A 111 6.24 6.95 0.69
N LEU A 112 7.49 7.35 0.50
CA LEU A 112 8.23 7.07 -0.73
C LEU A 112 9.71 7.08 -0.40
N LEU A 113 10.42 6.07 -0.89
CA LEU A 113 11.87 6.00 -0.68
C LEU A 113 12.56 6.31 -1.98
N VAL A 114 13.72 6.97 -1.88
CA VAL A 114 14.50 7.28 -3.06
C VAL A 114 15.93 6.83 -2.79
N LEU A 115 16.41 5.90 -3.61
CA LEU A 115 17.76 5.35 -3.49
C LEU A 115 18.40 5.33 -4.88
N GLY A 116 19.71 5.24 -4.90
CA GLY A 116 20.39 5.14 -6.18
C GLY A 116 20.41 3.67 -6.56
N ARG A 117 20.67 3.37 -7.82
CA ARG A 117 20.73 1.97 -8.27
C ARG A 117 21.92 1.29 -7.58
N SER A 118 23.05 1.98 -7.56
CA SER A 118 24.24 1.45 -6.90
C SER A 118 24.86 2.55 -6.04
N GLY A 119 26.03 2.28 -5.47
CA GLY A 119 26.66 3.26 -4.61
C GLY A 119 28.17 3.31 -4.62
N GLU A 120 28.73 3.51 -3.44
CA GLU A 120 30.18 3.63 -3.26
C GLU A 120 31.04 2.48 -3.80
N ALA A 121 30.51 1.26 -3.79
CA ALA A 121 31.26 0.09 -4.23
C ALA A 121 31.45 -0.09 -5.73
N HIS A 122 30.70 0.65 -6.53
CA HIS A 122 30.81 0.50 -7.99
C HIS A 122 31.18 1.77 -8.74
N GLY A 123 31.98 1.58 -9.79
CA GLY A 123 32.40 2.71 -10.60
C GLY A 123 31.24 3.20 -11.45
N ASP A 124 31.47 4.28 -12.18
CA ASP A 124 30.43 4.86 -13.02
C ASP A 124 30.05 4.04 -14.24
N GLY A 125 30.69 2.88 -14.41
CA GLY A 125 30.37 2.05 -15.55
C GLY A 125 29.37 0.96 -15.21
N PHE A 126 29.07 0.82 -13.93
CA PHE A 126 28.14 -0.20 -13.46
C PHE A 126 26.69 0.15 -13.77
N GLY A 127 26.02 -0.71 -14.53
CA GLY A 127 24.64 -0.46 -14.88
C GLY A 127 23.67 -1.28 -14.06
N GLY A 128 24.23 -2.10 -13.16
CA GLY A 128 23.40 -2.95 -12.32
C GLY A 128 22.91 -2.33 -11.04
N LEU A 129 22.48 -3.20 -10.12
CA LEU A 129 21.96 -2.76 -8.83
C LEU A 129 22.84 -3.24 -7.68
N GLY A 130 23.06 -2.37 -6.70
CA GLY A 130 23.86 -2.73 -5.54
C GLY A 130 23.00 -3.61 -4.63
N SER A 131 23.62 -4.26 -3.65
CA SER A 131 22.85 -5.13 -2.77
C SER A 131 21.98 -4.42 -1.74
N THR A 132 22.33 -3.18 -1.40
CA THR A 132 21.50 -2.44 -0.44
C THR A 132 20.20 -2.07 -1.15
N ALA A 133 20.30 -1.57 -2.38
CA ALA A 133 19.11 -1.21 -3.14
C ALA A 133 18.25 -2.45 -3.39
N ASP A 134 18.88 -3.56 -3.73
CA ASP A 134 18.15 -4.80 -3.99
C ASP A 134 17.39 -5.27 -2.75
N ARG A 135 18.05 -5.28 -1.59
CA ARG A 135 17.41 -5.72 -0.36
C ARG A 135 16.30 -4.78 0.09
N VAL A 136 16.48 -3.48 -0.15
CA VAL A 136 15.46 -2.52 0.25
C VAL A 136 14.19 -2.64 -0.62
N LEU A 137 14.35 -2.70 -1.94
CA LEU A 137 13.17 -2.79 -2.79
C LEU A 137 12.38 -4.09 -2.60
N ARG A 138 13.08 -5.17 -2.25
CA ARG A 138 12.41 -6.46 -2.06
C ARG A 138 11.65 -6.60 -0.75
N ALA A 139 11.94 -5.73 0.23
CA ALA A 139 11.28 -5.83 1.52
C ALA A 139 10.61 -4.55 2.02
N SER A 140 10.68 -3.48 1.25
CA SER A 140 10.08 -2.21 1.68
C SER A 140 8.56 -2.22 1.69
N PRO A 141 7.96 -1.65 2.75
CA PRO A 141 6.50 -1.59 2.87
C PRO A 141 5.94 -0.47 2.00
N VAL A 142 6.79 0.48 1.62
CA VAL A 142 6.35 1.60 0.80
C VAL A 142 7.13 1.62 -0.52
N PRO A 143 6.58 2.28 -1.54
CA PRO A 143 7.22 2.37 -2.85
C PRO A 143 8.66 2.85 -2.81
N VAL A 144 9.49 2.24 -3.66
CA VAL A 144 10.90 2.59 -3.74
C VAL A 144 11.25 3.08 -5.13
N LEU A 145 11.89 4.23 -5.21
CA LEU A 145 12.29 4.79 -6.48
C LEU A 145 13.81 4.66 -6.58
N LEU A 146 14.28 3.92 -7.59
CA LEU A 146 15.71 3.72 -7.80
C LEU A 146 16.16 4.63 -8.95
N ALA A 147 17.06 5.55 -8.63
CA ALA A 147 17.54 6.51 -9.63
C ALA A 147 18.97 6.24 -10.10
N PRO A 148 19.19 6.31 -11.43
CA PRO A 148 20.54 6.08 -11.96
C PRO A 148 21.48 7.16 -11.42
N GLY A 149 22.77 6.92 -11.53
CA GLY A 149 23.75 7.88 -11.05
C GLY A 149 23.61 9.28 -11.62
N GLU A 150 23.49 9.38 -12.94
CA GLU A 150 23.38 10.69 -13.58
C GLU A 150 22.00 11.33 -13.36
N PRO A 151 21.97 12.51 -12.73
CA PRO A 151 20.67 13.16 -12.48
C PRO A 151 19.84 13.33 -13.75
N VAL A 152 18.54 13.09 -13.64
CA VAL A 152 17.63 13.23 -14.76
C VAL A 152 16.23 13.54 -14.22
N GLU A 153 15.51 14.40 -14.92
CA GLU A 153 14.15 14.75 -14.52
C GLU A 153 13.21 13.66 -15.02
N LEU A 154 12.07 13.52 -14.36
CA LEU A 154 11.09 12.54 -14.81
C LEU A 154 10.27 13.27 -15.86
N GLU A 155 10.36 12.83 -17.11
CA GLU A 155 9.64 13.46 -18.21
C GLU A 155 8.53 12.60 -18.79
N GLY A 156 8.41 11.39 -18.27
CA GLY A 156 7.39 10.48 -18.74
C GLY A 156 7.24 9.32 -17.77
N ALA A 157 6.26 8.47 -17.99
CA ALA A 157 6.05 7.32 -17.12
C ALA A 157 5.38 6.17 -17.85
N LEU A 158 5.77 4.95 -17.50
CA LEU A 158 5.17 3.76 -18.09
C LEU A 158 4.96 2.79 -16.94
N LEU A 159 3.98 1.92 -17.08
CA LEU A 159 3.64 0.97 -16.04
C LEU A 159 3.52 -0.46 -16.58
N GLY A 160 4.26 -1.38 -15.96
CA GLY A 160 4.17 -2.76 -16.36
C GLY A 160 3.00 -3.31 -15.56
N TYR A 161 1.88 -3.57 -16.24
CA TYR A 161 0.70 -4.04 -15.53
C TYR A 161 0.15 -5.39 -16.00
N ASP A 162 0.15 -6.36 -15.09
CA ASP A 162 -0.36 -7.68 -15.39
C ASP A 162 -1.44 -8.06 -14.37
N ALA A 163 -1.98 -7.05 -13.70
CA ALA A 163 -3.05 -7.22 -12.71
C ALA A 163 -2.69 -8.07 -11.48
N SER A 164 -1.41 -8.31 -11.27
CA SER A 164 -0.97 -9.07 -10.12
C SER A 164 -1.04 -8.13 -8.91
N GLU A 165 -0.99 -8.68 -7.70
CA GLU A 165 -1.05 -7.86 -6.49
C GLU A 165 -0.03 -6.73 -6.48
N SER A 166 1.23 -7.04 -6.81
CA SER A 166 2.26 -6.00 -6.80
C SER A 166 2.09 -4.99 -7.93
N ALA A 167 1.54 -5.43 -9.07
CA ALA A 167 1.32 -4.52 -10.18
C ALA A 167 0.23 -3.53 -9.78
N VAL A 168 -0.73 -4.00 -8.98
CA VAL A 168 -1.82 -3.15 -8.50
C VAL A 168 -1.24 -2.10 -7.56
N ARG A 169 -0.28 -2.53 -6.73
CA ARG A 169 0.33 -1.59 -5.80
C ARG A 169 1.16 -0.57 -6.57
N ALA A 170 1.84 -1.01 -7.62
CA ALA A 170 2.65 -0.11 -8.44
C ALA A 170 1.73 0.90 -9.11
N LEU A 171 0.62 0.40 -9.62
CA LEU A 171 -0.38 1.24 -10.28
C LEU A 171 -0.87 2.33 -9.32
N HIS A 172 -1.25 1.93 -8.11
CA HIS A 172 -1.74 2.88 -7.12
C HIS A 172 -0.65 3.83 -6.62
N ALA A 173 0.59 3.35 -6.59
CA ALA A 173 1.71 4.17 -6.13
C ALA A 173 2.09 5.22 -7.16
N LEU A 174 1.97 4.85 -8.44
CA LEU A 174 2.33 5.74 -9.54
C LEU A 174 1.37 6.90 -9.76
N ALA A 175 0.07 6.62 -9.64
CA ALA A 175 -0.96 7.63 -9.88
C ALA A 175 -0.72 9.01 -9.25
N PRO A 176 -0.50 9.09 -7.92
CA PRO A 176 -0.28 10.39 -7.29
C PRO A 176 0.94 11.12 -7.81
N LEU A 177 1.99 10.36 -8.13
CA LEU A 177 3.22 10.95 -8.66
C LEU A 177 3.01 11.50 -10.06
N ALA A 178 2.35 10.71 -10.91
CA ALA A 178 2.10 11.15 -12.27
C ALA A 178 1.16 12.35 -12.25
N ARG A 179 0.19 12.33 -11.34
CA ARG A 179 -0.75 13.43 -11.21
C ARG A 179 -0.06 14.73 -10.81
N ALA A 180 0.75 14.66 -9.76
CA ALA A 180 1.46 15.84 -9.28
C ALA A 180 2.48 16.41 -10.26
N LEU A 181 3.03 15.55 -11.11
CA LEU A 181 4.03 15.99 -12.08
C LEU A 181 3.44 16.30 -13.45
N GLY A 182 2.19 15.94 -13.65
CA GLY A 182 1.54 16.20 -14.93
C GLY A 182 2.10 15.29 -16.02
N LEU A 183 2.37 14.04 -15.66
CA LEU A 183 2.90 13.08 -16.63
C LEU A 183 1.83 12.07 -17.04
N GLY A 184 1.77 11.81 -18.34
CA GLY A 184 0.82 10.82 -18.83
C GLY A 184 1.48 9.47 -18.61
N VAL A 185 0.68 8.43 -18.46
CA VAL A 185 1.24 7.10 -18.23
C VAL A 185 0.94 6.13 -19.36
N ARG A 186 1.97 5.43 -19.80
CA ARG A 186 1.84 4.44 -20.85
C ARG A 186 1.74 3.08 -20.17
N VAL A 187 0.56 2.47 -20.23
CA VAL A 187 0.34 1.17 -19.61
C VAL A 187 0.79 0.06 -20.56
N VAL A 188 1.65 -0.82 -20.07
CA VAL A 188 2.18 -1.91 -20.87
C VAL A 188 1.74 -3.24 -20.28
N SER A 189 0.94 -3.99 -21.04
CA SER A 189 0.43 -5.28 -20.60
C SER A 189 0.85 -6.32 -21.63
N VAL A 190 1.61 -7.33 -21.20
CA VAL A 190 2.12 -8.35 -22.10
C VAL A 190 1.62 -9.77 -21.84
N HIS A 191 1.05 -10.40 -22.87
CA HIS A 191 0.57 -11.78 -22.75
C HIS A 191 0.24 -12.35 -24.12
N GLU A 192 0.40 -13.67 -24.27
CA GLU A 192 0.12 -14.32 -25.54
C GLU A 192 -1.38 -14.26 -25.87
N ASP A 193 -2.19 -14.16 -24.83
CA ASP A 193 -3.64 -14.06 -24.98
C ASP A 193 -3.95 -12.57 -25.07
N PRO A 194 -4.20 -12.05 -26.27
CA PRO A 194 -4.50 -10.63 -26.43
C PRO A 194 -5.72 -10.14 -25.63
N ALA A 195 -6.69 -11.02 -25.42
CA ALA A 195 -7.88 -10.65 -24.66
C ALA A 195 -7.54 -10.43 -23.19
N ARG A 196 -6.63 -11.25 -22.68
CA ARG A 196 -6.21 -11.15 -21.28
C ARG A 196 -5.40 -9.88 -21.04
N ALA A 197 -4.42 -9.63 -21.91
CA ALA A 197 -3.58 -8.44 -21.79
C ALA A 197 -4.41 -7.16 -21.95
N GLU A 198 -5.37 -7.19 -22.86
CA GLU A 198 -6.22 -6.04 -23.10
C GLU A 198 -7.02 -5.71 -21.85
N ALA A 199 -7.57 -6.74 -21.21
CA ALA A 199 -8.35 -6.56 -20.00
C ALA A 199 -7.49 -5.91 -18.93
N TRP A 200 -6.24 -6.33 -18.85
CA TRP A 200 -5.31 -5.77 -17.87
C TRP A 200 -5.09 -4.28 -18.15
N ALA A 201 -4.74 -3.97 -19.40
CA ALA A 201 -4.48 -2.59 -19.80
C ALA A 201 -5.65 -1.64 -19.55
N LEU A 202 -6.85 -2.03 -19.97
CA LEU A 202 -8.02 -1.19 -19.79
C LEU A 202 -8.29 -0.91 -18.32
N GLU A 203 -8.02 -1.91 -17.48
CA GLU A 203 -8.23 -1.76 -16.05
C GLU A 203 -7.32 -0.68 -15.49
N ALA A 204 -6.03 -0.77 -15.80
CA ALA A 204 -5.06 0.21 -15.33
C ALA A 204 -5.38 1.60 -15.86
N GLU A 205 -5.76 1.70 -17.12
CA GLU A 205 -6.09 2.99 -17.71
C GLU A 205 -7.28 3.61 -16.99
N ALA A 206 -8.29 2.79 -16.69
CA ALA A 206 -9.47 3.30 -16.01
C ALA A 206 -9.11 3.88 -14.64
N TYR A 207 -8.25 3.17 -13.90
CA TYR A 207 -7.82 3.63 -12.59
C TYR A 207 -7.10 4.96 -12.68
N LEU A 208 -6.13 5.04 -13.59
CA LEU A 208 -5.36 6.26 -13.77
C LEU A 208 -6.24 7.46 -14.10
N ARG A 209 -7.15 7.28 -15.06
CA ARG A 209 -8.04 8.37 -15.45
C ARG A 209 -8.95 8.76 -14.29
N ASP A 210 -9.40 7.77 -13.53
CA ASP A 210 -10.27 8.03 -12.39
C ASP A 210 -9.51 8.82 -11.33
N HIS A 211 -8.18 8.82 -11.43
CA HIS A 211 -7.34 9.55 -10.47
C HIS A 211 -6.66 10.78 -11.08
N GLY A 212 -7.27 11.32 -12.14
CA GLY A 212 -6.75 12.50 -12.79
C GLY A 212 -5.46 12.37 -13.60
N VAL A 213 -5.16 11.17 -14.07
CA VAL A 213 -3.95 10.94 -14.84
C VAL A 213 -4.26 10.45 -16.25
N GLU A 214 -3.66 11.09 -17.26
CA GLU A 214 -3.87 10.68 -18.64
C GLU A 214 -3.14 9.37 -18.86
N ALA A 215 -3.75 8.48 -19.64
CA ALA A 215 -3.12 7.20 -19.88
C ALA A 215 -3.38 6.66 -21.27
N SER A 216 -2.49 5.80 -21.73
CA SER A 216 -2.58 5.16 -23.02
C SER A 216 -2.13 3.74 -22.73
N ALA A 217 -2.31 2.84 -23.69
CA ALA A 217 -1.91 1.46 -23.45
C ALA A 217 -1.24 0.82 -24.65
N LEU A 218 -0.43 -0.19 -24.35
CA LEU A 218 0.26 -0.97 -25.35
C LEU A 218 0.03 -2.42 -24.96
N VAL A 219 -0.75 -3.12 -25.77
CA VAL A 219 -1.06 -4.52 -25.54
C VAL A 219 -0.13 -5.30 -26.45
N LEU A 220 0.82 -6.02 -25.85
CA LEU A 220 1.82 -6.75 -26.60
C LEU A 220 1.94 -8.22 -26.21
N GLY A 221 2.66 -8.96 -27.05
CA GLY A 221 2.91 -10.36 -26.80
C GLY A 221 4.42 -10.47 -26.61
N GLY A 222 4.95 -11.68 -26.60
CA GLY A 222 6.39 -11.83 -26.45
C GLY A 222 6.95 -11.67 -25.05
N ASP A 223 8.19 -11.20 -24.97
CA ASP A 223 8.88 -11.03 -23.69
C ASP A 223 8.60 -9.70 -23.01
N ALA A 224 7.93 -9.75 -21.86
CA ALA A 224 7.56 -8.55 -21.12
C ALA A 224 8.75 -7.69 -20.69
N ALA A 225 9.77 -8.34 -20.13
CA ALA A 225 10.95 -7.62 -19.67
C ALA A 225 11.60 -6.85 -20.81
N ASP A 226 11.76 -7.52 -21.95
CA ASP A 226 12.37 -6.91 -23.12
C ASP A 226 11.57 -5.70 -23.61
N HIS A 227 10.24 -5.83 -23.63
CA HIS A 227 9.39 -4.72 -24.08
C HIS A 227 9.49 -3.53 -23.14
N LEU A 228 9.38 -3.78 -21.84
CA LEU A 228 9.46 -2.72 -20.84
C LEU A 228 10.79 -1.99 -20.90
N LEU A 229 11.89 -2.73 -21.03
CA LEU A 229 13.20 -2.11 -21.10
C LEU A 229 13.36 -1.23 -22.34
N ARG A 230 12.93 -1.74 -23.48
CA ARG A 230 13.04 -1.00 -24.75
C ARG A 230 12.18 0.26 -24.80
N LEU A 231 11.04 0.23 -24.10
CA LEU A 231 10.13 1.36 -24.09
C LEU A 231 10.50 2.50 -23.15
N GLN A 232 11.43 2.25 -22.22
CA GLN A 232 11.83 3.26 -21.26
C GLN A 232 12.93 4.20 -21.73
N GLY A 233 12.60 5.49 -21.78
CA GLY A 233 13.56 6.50 -22.17
C GLY A 233 14.35 6.85 -20.92
N PRO A 234 15.46 7.58 -21.05
CA PRO A 234 16.29 7.96 -19.89
C PRO A 234 15.56 8.75 -18.81
N GLY A 235 14.50 9.46 -19.20
CA GLY A 235 13.75 10.26 -18.24
C GLY A 235 12.38 9.66 -17.93
N ASP A 236 12.14 8.44 -18.37
CA ASP A 236 10.86 7.79 -18.11
C ASP A 236 10.90 7.01 -16.81
N LEU A 237 9.91 7.24 -15.96
CA LEU A 237 9.81 6.51 -14.70
C LEU A 237 9.08 5.22 -15.05
N LEU A 238 9.75 4.08 -14.87
CA LEU A 238 9.14 2.78 -15.16
C LEU A 238 8.69 2.19 -13.84
N ALA A 239 7.37 2.02 -13.71
CA ALA A 239 6.78 1.48 -12.48
C ALA A 239 6.35 0.02 -12.66
N LEU A 240 6.67 -0.81 -11.68
CA LEU A 240 6.31 -2.22 -11.72
C LEU A 240 6.39 -2.84 -10.34
N GLY A 241 5.76 -4.00 -10.17
CA GLY A 241 5.81 -4.66 -8.88
C GLY A 241 7.19 -5.20 -8.63
N ALA A 242 7.59 -5.24 -7.36
CA ALA A 242 8.91 -5.74 -7.00
C ALA A 242 9.01 -7.24 -7.17
N PRO A 243 10.23 -7.75 -7.42
CA PRO A 243 10.37 -9.19 -7.59
C PRO A 243 10.27 -9.88 -6.23
N VAL A 244 9.98 -11.18 -6.24
CA VAL A 244 9.87 -11.96 -5.02
C VAL A 244 10.98 -13.02 -5.02
N ARG A 245 10.81 -14.07 -5.82
CA ARG A 245 11.84 -15.11 -5.92
C ARG A 245 13.08 -14.55 -6.60
N ARG A 246 14.23 -15.20 -6.37
CA ARG A 246 15.48 -14.81 -7.01
C ARG A 246 15.77 -15.91 -8.02
N LEU A 247 15.12 -15.82 -9.19
CA LEU A 247 15.27 -16.84 -10.21
C LEU A 247 16.62 -16.82 -10.91
N VAL A 248 17.12 -18.00 -11.27
CA VAL A 248 18.40 -18.11 -11.93
C VAL A 248 18.50 -17.22 -13.17
N PHE A 249 17.49 -17.27 -14.02
CA PHE A 249 17.49 -16.46 -15.24
C PHE A 249 16.74 -15.16 -15.05
N GLY A 250 16.19 -15.00 -13.84
CA GLY A 250 15.46 -13.78 -13.50
C GLY A 250 14.02 -13.68 -13.94
N SER A 251 13.18 -13.19 -13.03
CA SER A 251 11.76 -13.01 -13.34
C SER A 251 11.68 -11.70 -14.11
N THR A 252 10.50 -11.38 -14.63
CA THR A 252 10.32 -10.15 -15.40
C THR A 252 10.89 -8.92 -14.71
N ALA A 253 10.48 -8.65 -13.47
CA ALA A 253 10.96 -7.48 -12.75
C ALA A 253 12.46 -7.53 -12.46
N GLU A 254 13.00 -8.72 -12.21
CA GLU A 254 14.43 -8.84 -11.95
C GLU A 254 15.23 -8.40 -13.16
N ARG A 255 14.82 -8.86 -14.34
CA ARG A 255 15.51 -8.50 -15.57
C ARG A 255 15.34 -7.02 -15.89
N VAL A 256 14.14 -6.49 -15.64
CA VAL A 256 13.89 -5.07 -15.89
C VAL A 256 14.74 -4.18 -14.98
N ILE A 257 14.66 -4.43 -13.68
CA ILE A 257 15.40 -3.61 -12.72
C ILE A 257 16.92 -3.69 -12.92
N ARG A 258 17.44 -4.88 -13.21
CA ARG A 258 18.87 -5.02 -13.40
C ARG A 258 19.42 -4.24 -14.60
N ASN A 259 18.63 -4.17 -15.67
CA ASN A 259 19.05 -3.51 -16.89
C ASN A 259 18.42 -2.15 -17.18
N ALA A 260 17.55 -1.67 -16.30
CA ALA A 260 16.88 -0.40 -16.52
C ALA A 260 17.82 0.76 -16.85
N GLN A 261 17.43 1.55 -17.84
CA GLN A 261 18.21 2.70 -18.29
C GLN A 261 17.80 3.96 -17.54
N GLY A 262 16.56 3.99 -17.08
CA GLY A 262 16.07 5.16 -16.38
C GLY A 262 15.53 4.85 -15.00
N PRO A 263 14.93 5.85 -14.34
CA PRO A 263 14.36 5.70 -13.00
C PRO A 263 13.28 4.62 -12.95
N VAL A 264 13.27 3.86 -11.86
CA VAL A 264 12.29 2.80 -11.70
C VAL A 264 11.57 2.95 -10.36
N LEU A 265 10.27 2.69 -10.36
CA LEU A 265 9.48 2.75 -9.14
C LEU A 265 8.94 1.35 -8.89
N THR A 266 9.31 0.78 -7.74
CA THR A 266 8.85 -0.55 -7.38
C THR A 266 7.90 -0.46 -6.20
N ALA A 267 6.98 -1.42 -6.11
CA ALA A 267 6.03 -1.46 -5.01
C ALA A 267 5.73 -2.90 -4.63
N ARG A 268 5.56 -3.12 -3.33
CA ARG A 268 5.26 -4.42 -2.74
C ARG A 268 4.03 -4.30 -1.86
N MET B 1 -9.66 9.33 -4.07
CA MET B 1 -9.86 7.94 -3.53
C MET B 1 -11.19 7.37 -4.01
N ARG B 2 -11.14 6.17 -4.58
CA ARG B 2 -12.33 5.48 -5.06
C ARG B 2 -12.76 4.46 -4.00
N ILE B 3 -13.98 4.60 -3.51
CA ILE B 3 -14.50 3.68 -2.50
C ILE B 3 -15.33 2.61 -3.18
N LEU B 4 -15.08 1.35 -2.83
CA LEU B 4 -15.84 0.24 -3.40
C LEU B 4 -16.66 -0.41 -2.31
N LEU B 5 -17.99 -0.28 -2.43
CA LEU B 5 -18.90 -0.88 -1.48
C LEU B 5 -19.41 -2.17 -2.10
N ALA B 6 -19.28 -3.27 -1.37
CA ALA B 6 -19.76 -4.56 -1.85
C ALA B 6 -20.94 -4.89 -0.95
N THR B 7 -22.11 -5.12 -1.54
CA THR B 7 -23.27 -5.45 -0.72
C THR B 7 -24.12 -6.55 -1.31
N ASP B 8 -24.68 -7.39 -0.45
CA ASP B 8 -25.56 -8.46 -0.91
C ASP B 8 -27.00 -8.08 -0.61
N GLY B 9 -27.18 -6.83 -0.17
CA GLY B 9 -28.51 -6.31 0.13
C GLY B 9 -29.17 -6.86 1.38
N SER B 10 -28.41 -7.60 2.17
CA SER B 10 -28.94 -8.21 3.40
C SER B 10 -28.95 -7.22 4.57
N PRO B 11 -29.70 -7.56 5.64
CA PRO B 11 -29.75 -6.68 6.80
C PRO B 11 -28.35 -6.48 7.39
N GLN B 12 -27.55 -7.54 7.38
CA GLN B 12 -26.19 -7.48 7.91
C GLN B 12 -25.28 -6.59 7.06
N ALA B 13 -25.71 -6.26 5.86
CA ALA B 13 -24.92 -5.40 4.99
C ALA B 13 -25.35 -3.94 5.06
N ARG B 14 -26.44 -3.67 5.77
CA ARG B 14 -26.95 -2.30 5.86
C ARG B 14 -25.95 -1.32 6.48
N GLY B 15 -25.18 -1.78 7.46
CA GLY B 15 -24.19 -0.92 8.08
C GLY B 15 -23.12 -0.47 7.10
N ALA B 16 -22.63 -1.41 6.30
CA ALA B 16 -21.60 -1.11 5.31
C ALA B 16 -22.14 -0.16 4.25
N GLU B 17 -23.37 -0.38 3.81
CA GLU B 17 -23.97 0.49 2.80
C GLU B 17 -24.01 1.92 3.32
N ALA B 18 -24.47 2.08 4.56
CA ALA B 18 -24.56 3.41 5.17
C ALA B 18 -23.19 4.05 5.35
N LEU B 19 -22.24 3.29 5.86
CA LEU B 19 -20.90 3.80 6.10
C LEU B 19 -20.22 4.23 4.81
N ALA B 20 -20.35 3.41 3.77
CA ALA B 20 -19.74 3.73 2.48
C ALA B 20 -20.29 5.06 1.95
N GLU B 21 -21.61 5.22 1.99
CA GLU B 21 -22.21 6.45 1.51
C GLU B 21 -21.76 7.64 2.35
N TRP B 22 -21.71 7.42 3.68
CA TRP B 22 -21.30 8.46 4.61
C TRP B 22 -19.85 8.88 4.35
N LEU B 23 -18.97 7.90 4.14
CA LEU B 23 -17.57 8.20 3.87
C LEU B 23 -17.41 8.92 2.53
N ALA B 24 -18.14 8.47 1.52
CA ALA B 24 -18.06 9.08 0.20
C ALA B 24 -18.46 10.55 0.30
N TYR B 25 -19.51 10.81 1.06
CA TYR B 25 -20.01 12.17 1.26
C TYR B 25 -18.98 13.03 2.01
N LYS B 26 -18.53 12.53 3.15
CA LYS B 26 -17.57 13.25 3.97
C LYS B 26 -16.23 13.54 3.29
N LEU B 27 -15.77 12.61 2.48
CA LEU B 27 -14.49 12.76 1.79
C LEU B 27 -14.63 13.29 0.37
N SER B 28 -15.86 13.48 -0.08
CA SER B 28 -16.12 13.94 -1.45
C SER B 28 -15.40 12.97 -2.39
N ALA B 29 -15.60 11.68 -2.13
CA ALA B 29 -14.98 10.63 -2.93
C ALA B 29 -16.04 9.87 -3.73
N PRO B 30 -15.69 9.43 -4.95
CA PRO B 30 -16.65 8.69 -5.78
C PRO B 30 -16.87 7.31 -5.19
N LEU B 31 -18.08 6.79 -5.40
CA LEU B 31 -18.45 5.49 -4.87
C LEU B 31 -18.91 4.50 -5.93
N THR B 32 -18.41 3.28 -5.85
CA THR B 32 -18.82 2.21 -6.75
C THR B 32 -19.52 1.21 -5.84
N VAL B 33 -20.73 0.81 -6.23
CA VAL B 33 -21.50 -0.17 -5.46
C VAL B 33 -21.54 -1.42 -6.30
N LEU B 34 -21.12 -2.53 -5.70
CA LEU B 34 -21.07 -3.81 -6.39
C LEU B 34 -21.95 -4.88 -5.75
N PHE B 35 -22.74 -5.57 -6.58
CA PHE B 35 -23.56 -6.68 -6.12
C PHE B 35 -23.17 -7.85 -6.99
N VAL B 36 -22.85 -8.99 -6.37
CA VAL B 36 -22.45 -10.16 -7.14
C VAL B 36 -23.53 -11.24 -7.17
N VAL B 37 -23.89 -11.66 -8.38
CA VAL B 37 -24.86 -12.74 -8.55
C VAL B 37 -24.03 -13.97 -8.20
N ASP B 38 -24.37 -14.60 -7.09
CA ASP B 38 -23.63 -15.75 -6.57
C ASP B 38 -23.81 -17.03 -7.39
N THR B 39 -22.79 -17.42 -8.14
CA THR B 39 -22.86 -18.63 -8.95
C THR B 39 -22.95 -19.89 -8.10
N ARG B 40 -22.50 -19.79 -6.85
CA ARG B 40 -22.56 -20.94 -5.95
C ARG B 40 -24.01 -21.28 -5.65
N LEU B 41 -24.88 -20.28 -5.73
CA LEU B 41 -26.31 -20.47 -5.50
C LEU B 41 -26.99 -20.85 -6.81
N ALA B 42 -26.72 -20.06 -7.85
CA ALA B 42 -27.32 -20.29 -9.15
C ALA B 42 -27.04 -21.67 -9.72
N ARG B 43 -25.84 -22.21 -9.44
CA ARG B 43 -25.45 -23.51 -9.95
C ARG B 43 -25.93 -24.71 -9.14
N ILE B 44 -26.71 -24.46 -8.09
CA ILE B 44 -27.19 -25.58 -7.28
C ILE B 44 -27.89 -26.65 -8.13
N PRO B 45 -28.71 -26.24 -9.11
CA PRO B 45 -29.41 -27.24 -9.94
C PRO B 45 -28.48 -28.25 -10.62
N GLU B 46 -27.23 -27.87 -10.83
CA GLU B 46 -26.28 -28.76 -11.49
C GLU B 46 -25.96 -30.01 -10.67
N LEU B 47 -26.37 -30.00 -9.41
CA LEU B 47 -26.13 -31.14 -8.53
C LEU B 47 -27.30 -32.12 -8.62
N PRO B 56 -34.61 -29.37 -18.52
CA PRO B 56 -33.21 -29.68 -18.18
C PRO B 56 -32.63 -28.77 -17.10
N VAL B 57 -31.48 -29.18 -16.56
CA VAL B 57 -30.81 -28.41 -15.51
C VAL B 57 -30.45 -26.99 -15.94
N PRO B 58 -29.95 -26.81 -17.18
CA PRO B 58 -29.61 -25.46 -17.63
C PRO B 58 -30.74 -24.45 -17.49
N VAL B 59 -31.97 -24.92 -17.71
CA VAL B 59 -33.14 -24.04 -17.58
C VAL B 59 -33.34 -23.64 -16.13
N LEU B 60 -33.22 -24.60 -15.22
CA LEU B 60 -33.39 -24.31 -13.81
C LEU B 60 -32.32 -23.34 -13.33
N ARG B 61 -31.09 -23.54 -13.80
CA ARG B 61 -29.98 -22.66 -13.42
C ARG B 61 -30.24 -21.25 -13.93
N THR B 62 -30.71 -21.16 -15.17
CA THR B 62 -31.00 -19.86 -15.79
C THR B 62 -32.11 -19.14 -15.04
N GLU B 63 -33.12 -19.89 -14.60
CA GLU B 63 -34.23 -19.31 -13.87
C GLU B 63 -33.76 -18.76 -12.52
N LEU B 64 -32.83 -19.47 -11.87
CA LEU B 64 -32.31 -19.00 -10.59
C LEU B 64 -31.41 -17.78 -10.80
N GLU B 65 -30.55 -17.83 -11.83
CA GLU B 65 -29.66 -16.71 -12.09
C GLU B 65 -30.50 -15.46 -12.37
N ARG B 66 -31.56 -15.64 -13.15
CA ARG B 66 -32.43 -14.52 -13.49
C ARG B 66 -33.02 -13.88 -12.23
N ALA B 67 -33.45 -14.71 -11.29
CA ALA B 67 -34.01 -14.21 -10.04
C ALA B 67 -32.93 -13.48 -9.24
N LEU B 68 -31.77 -14.11 -9.09
CA LEU B 68 -30.67 -13.51 -8.35
C LEU B 68 -30.22 -12.20 -8.98
N ALA B 69 -30.19 -12.14 -10.30
CA ALA B 69 -29.76 -10.93 -11.00
C ALA B 69 -30.76 -9.81 -10.78
N LEU B 70 -32.04 -10.13 -10.80
CA LEU B 70 -33.06 -9.11 -10.59
C LEU B 70 -33.02 -8.56 -9.17
N ARG B 71 -32.73 -9.42 -8.19
CA ARG B 71 -32.62 -8.93 -6.82
C ARG B 71 -31.43 -7.97 -6.77
N GLY B 72 -30.35 -8.36 -7.43
CA GLY B 72 -29.16 -7.54 -7.45
C GLY B 72 -29.44 -6.18 -8.04
N GLU B 73 -30.21 -6.15 -9.13
CA GLU B 73 -30.55 -4.90 -9.78
C GLU B 73 -31.35 -4.02 -8.84
N ALA B 74 -32.21 -4.63 -8.05
CA ALA B 74 -33.03 -3.90 -7.09
C ALA B 74 -32.17 -3.32 -5.99
N VAL B 75 -31.22 -4.11 -5.49
CA VAL B 75 -30.32 -3.66 -4.43
C VAL B 75 -29.48 -2.49 -4.93
N LEU B 76 -28.91 -2.63 -6.12
CA LEU B 76 -28.09 -1.57 -6.70
C LEU B 76 -28.87 -0.29 -6.90
N GLU B 77 -30.11 -0.42 -7.38
CA GLU B 77 -30.97 0.75 -7.59
C GLU B 77 -31.24 1.47 -6.27
N ARG B 78 -31.50 0.70 -5.22
CA ARG B 78 -31.76 1.29 -3.91
C ARG B 78 -30.55 2.07 -3.40
N VAL B 79 -29.39 1.42 -3.39
CA VAL B 79 -28.17 2.07 -2.93
C VAL B 79 -27.80 3.26 -3.79
N ARG B 80 -27.90 3.11 -5.11
CA ARG B 80 -27.57 4.19 -6.03
C ARG B 80 -28.47 5.41 -5.74
N GLN B 81 -29.76 5.15 -5.55
CA GLN B 81 -30.71 6.22 -5.28
C GLN B 81 -30.35 6.98 -4.01
N SER B 82 -29.96 6.25 -2.97
CA SER B 82 -29.59 6.87 -1.71
C SER B 82 -28.37 7.76 -1.92
N ALA B 83 -27.32 7.20 -2.50
CA ALA B 83 -26.09 7.92 -2.75
C ALA B 83 -26.32 9.18 -3.60
N LEU B 84 -27.00 9.02 -4.73
CA LEU B 84 -27.27 10.14 -5.61
C LEU B 84 -28.02 11.24 -4.87
N ALA B 85 -28.87 10.84 -3.94
CA ALA B 85 -29.64 11.80 -3.14
C ALA B 85 -28.72 12.66 -2.28
N ALA B 86 -27.63 12.06 -1.82
CA ALA B 86 -26.67 12.76 -0.97
C ALA B 86 -25.70 13.60 -1.78
N GLY B 87 -25.77 13.47 -3.11
CA GLY B 87 -24.88 14.24 -3.99
C GLY B 87 -23.61 13.48 -4.33
N VAL B 88 -23.55 12.21 -3.92
CA VAL B 88 -22.39 11.37 -4.19
C VAL B 88 -22.36 10.86 -5.63
N ALA B 89 -21.18 10.89 -6.23
CA ALA B 89 -21.00 10.39 -7.60
C ALA B 89 -20.89 8.87 -7.45
N VAL B 90 -21.95 8.16 -7.83
CA VAL B 90 -21.98 6.71 -7.68
C VAL B 90 -22.15 5.88 -8.96
N GLU B 91 -21.40 4.78 -9.03
CA GLU B 91 -21.43 3.85 -10.15
C GLU B 91 -21.95 2.52 -9.62
N ALA B 92 -22.90 1.92 -10.33
CA ALA B 92 -23.45 0.63 -9.94
C ALA B 92 -22.91 -0.46 -10.84
N VAL B 93 -22.47 -1.57 -10.24
CA VAL B 93 -21.92 -2.70 -10.99
C VAL B 93 -22.54 -4.03 -10.59
N LEU B 94 -23.07 -4.76 -11.58
CA LEU B 94 -23.69 -6.06 -11.34
C LEU B 94 -22.77 -7.12 -11.94
N GLU B 95 -22.19 -7.95 -11.07
CA GLU B 95 -21.27 -9.00 -11.46
C GLU B 95 -21.87 -10.37 -11.23
N GLU B 96 -21.25 -11.39 -11.80
CA GLU B 96 -21.71 -12.76 -11.60
C GLU B 96 -20.50 -13.66 -11.47
N GLY B 97 -20.47 -14.42 -10.37
CA GLY B 97 -19.37 -15.32 -10.11
C GLY B 97 -19.34 -15.61 -8.63
N VAL B 98 -18.18 -15.98 -8.11
CA VAL B 98 -18.05 -16.24 -6.68
C VAL B 98 -17.81 -14.86 -6.06
N PRO B 99 -18.66 -14.46 -5.10
CA PRO B 99 -18.53 -13.15 -4.46
C PRO B 99 -17.12 -12.65 -4.14
N HIS B 100 -16.39 -13.35 -3.27
CA HIS B 100 -15.06 -12.86 -2.92
C HIS B 100 -14.14 -12.71 -4.12
N GLU B 101 -14.31 -13.56 -5.13
CA GLU B 101 -13.48 -13.49 -6.33
C GLU B 101 -13.79 -12.23 -7.15
N ALA B 102 -15.07 -11.95 -7.35
CA ALA B 102 -15.48 -10.78 -8.11
C ALA B 102 -15.13 -9.52 -7.36
N ILE B 103 -15.31 -9.54 -6.04
CA ILE B 103 -14.99 -8.38 -5.21
C ILE B 103 -13.49 -8.08 -5.27
N LEU B 104 -12.68 -9.14 -5.17
CA LEU B 104 -11.23 -8.97 -5.22
C LEU B 104 -10.78 -8.44 -6.58
N ARG B 105 -11.45 -8.85 -7.65
CA ARG B 105 -11.06 -8.35 -8.97
C ARG B 105 -11.38 -6.86 -9.06
N ARG B 106 -12.58 -6.50 -8.65
CA ARG B 106 -13.01 -5.11 -8.69
C ARG B 106 -12.19 -4.23 -7.76
N ALA B 107 -11.65 -4.83 -6.70
CA ALA B 107 -10.84 -4.08 -5.74
C ALA B 107 -9.57 -3.50 -6.36
N ARG B 108 -9.07 -4.15 -7.41
CA ARG B 108 -7.86 -3.68 -8.06
C ARG B 108 -7.98 -2.24 -8.56
N ALA B 109 -9.21 -1.80 -8.79
CA ALA B 109 -9.46 -0.44 -9.27
C ALA B 109 -10.01 0.49 -8.19
N ALA B 110 -9.99 0.05 -6.94
CA ALA B 110 -10.49 0.87 -5.83
C ALA B 110 -9.37 1.17 -4.83
N ASP B 111 -9.61 2.15 -3.96
CA ASP B 111 -8.62 2.52 -2.95
C ASP B 111 -9.04 2.11 -1.55
N LEU B 112 -10.31 1.79 -1.39
CA LEU B 112 -10.84 1.38 -0.10
C LEU B 112 -12.08 0.54 -0.34
N LEU B 113 -12.15 -0.60 0.35
CA LEU B 113 -13.31 -1.48 0.22
C LEU B 113 -14.12 -1.36 1.49
N VAL B 114 -15.44 -1.47 1.35
CA VAL B 114 -16.31 -1.42 2.51
C VAL B 114 -17.26 -2.61 2.39
N LEU B 115 -17.21 -3.50 3.37
CA LEU B 115 -18.06 -4.69 3.39
C LEU B 115 -18.64 -4.85 4.78
N GLY B 116 -19.71 -5.63 4.90
CA GLY B 116 -20.28 -5.88 6.20
C GLY B 116 -19.51 -7.04 6.80
N ARG B 117 -19.63 -7.24 8.11
CA ARG B 117 -18.93 -8.36 8.77
C ARG B 117 -19.55 -9.66 8.28
N SER B 118 -20.88 -9.67 8.18
CA SER B 118 -21.60 -10.84 7.69
C SER B 118 -22.67 -10.37 6.71
N GLY B 119 -23.49 -11.30 6.25
CA GLY B 119 -24.52 -10.94 5.29
C GLY B 119 -25.81 -11.75 5.35
N GLU B 120 -26.34 -12.07 4.17
CA GLU B 120 -27.59 -12.80 4.01
C GLU B 120 -27.72 -14.13 4.74
N ALA B 121 -26.61 -14.84 4.90
CA ALA B 121 -26.63 -16.16 5.54
C ALA B 121 -26.78 -16.18 7.05
N HIS B 122 -26.52 -15.06 7.71
CA HIS B 122 -26.62 -15.02 9.17
C HIS B 122 -27.69 -14.07 9.70
N GLY B 123 -28.26 -14.43 10.85
CA GLY B 123 -29.28 -13.61 11.48
C GLY B 123 -28.67 -12.38 12.13
N ASP B 124 -29.53 -11.46 12.54
CA ASP B 124 -29.09 -10.21 13.16
C ASP B 124 -28.39 -10.39 14.51
N GLY B 125 -28.14 -11.63 14.90
CA GLY B 125 -27.48 -11.88 16.17
C GLY B 125 -26.09 -12.46 16.02
N PHE B 126 -25.61 -12.51 14.78
CA PHE B 126 -24.29 -13.05 14.51
C PHE B 126 -23.28 -11.93 14.67
N GLY B 127 -22.31 -12.13 15.56
CA GLY B 127 -21.29 -11.13 15.78
C GLY B 127 -20.00 -11.52 15.08
N GLY B 128 -20.03 -12.66 14.39
CA GLY B 128 -18.86 -13.14 13.71
C GLY B 128 -18.67 -12.58 12.30
N LEU B 129 -17.80 -13.24 11.54
CA LEU B 129 -17.48 -12.83 10.19
C LEU B 129 -17.90 -13.88 9.15
N GLY B 130 -18.53 -13.43 8.07
CA GLY B 130 -18.95 -14.32 7.00
C GLY B 130 -17.75 -14.75 6.18
N SER B 131 -17.88 -15.80 5.37
CA SER B 131 -16.76 -16.28 4.56
C SER B 131 -16.34 -15.35 3.42
N THR B 132 -17.26 -14.55 2.90
CA THR B 132 -16.88 -13.63 1.83
C THR B 132 -16.03 -12.51 2.43
N ALA B 133 -16.46 -11.99 3.57
CA ALA B 133 -15.70 -10.94 4.26
C ALA B 133 -14.31 -11.47 4.63
N ASP B 134 -14.27 -12.72 5.11
CA ASP B 134 -13.01 -13.34 5.50
C ASP B 134 -12.03 -13.46 4.33
N ARG B 135 -12.51 -14.02 3.22
CA ARG B 135 -11.66 -14.19 2.04
C ARG B 135 -11.20 -12.89 1.42
N VAL B 136 -12.06 -11.87 1.47
CA VAL B 136 -11.70 -10.57 0.89
C VAL B 136 -10.64 -9.84 1.72
N LEU B 137 -10.82 -9.78 3.03
CA LEU B 137 -9.84 -9.08 3.85
C LEU B 137 -8.47 -9.76 3.86
N ARG B 138 -8.44 -11.08 3.69
CA ARG B 138 -7.17 -11.80 3.69
C ARG B 138 -6.37 -11.71 2.39
N ALA B 139 -7.04 -11.37 1.29
CA ALA B 139 -6.37 -11.29 0.00
C ALA B 139 -6.42 -9.95 -0.69
N SER B 140 -7.16 -8.99 -0.15
CA SER B 140 -7.28 -7.69 -0.80
C SER B 140 -5.97 -6.90 -0.89
N PRO B 141 -5.74 -6.26 -2.04
CA PRO B 141 -4.53 -5.45 -2.27
C PRO B 141 -4.69 -4.06 -1.67
N VAL B 142 -5.92 -3.69 -1.35
CA VAL B 142 -6.21 -2.39 -0.76
C VAL B 142 -6.95 -2.58 0.57
N PRO B 143 -6.89 -1.56 1.45
CA PRO B 143 -7.56 -1.63 2.75
C PRO B 143 -9.02 -2.01 2.70
N VAL B 144 -9.44 -2.85 3.65
CA VAL B 144 -10.82 -3.31 3.74
C VAL B 144 -11.45 -2.87 5.06
N LEU B 145 -12.60 -2.20 4.97
CA LEU B 145 -13.28 -1.75 6.17
C LEU B 145 -14.49 -2.65 6.39
N LEU B 146 -14.52 -3.36 7.51
CA LEU B 146 -15.62 -4.26 7.85
C LEU B 146 -16.54 -3.57 8.84
N ALA B 147 -17.77 -3.30 8.41
CA ALA B 147 -18.75 -2.60 9.24
C ALA B 147 -19.83 -3.51 9.82
N PRO B 148 -20.16 -3.33 11.10
CA PRO B 148 -21.20 -4.15 11.74
C PRO B 148 -22.54 -3.90 11.05
N GLY B 149 -23.51 -4.77 11.28
CA GLY B 149 -24.81 -4.61 10.65
C GLY B 149 -25.51 -3.30 10.97
N GLU B 150 -25.54 -2.93 12.25
CA GLU B 150 -26.21 -1.71 12.68
C GLU B 150 -25.38 -0.49 12.28
N PRO B 151 -25.95 0.41 11.44
CA PRO B 151 -25.23 1.61 11.01
C PRO B 151 -24.71 2.44 12.18
N VAL B 152 -23.47 2.90 12.06
CA VAL B 152 -22.84 3.72 13.09
C VAL B 152 -21.81 4.64 12.47
N GLU B 153 -21.75 5.89 12.93
CA GLU B 153 -20.78 6.84 12.41
C GLU B 153 -19.46 6.63 13.12
N LEU B 154 -18.35 6.90 12.44
CA LEU B 154 -17.05 6.74 13.05
C LEU B 154 -16.81 7.98 13.92
N GLU B 155 -16.71 7.76 15.22
CA GLU B 155 -16.53 8.85 16.18
C GLU B 155 -15.17 8.81 16.85
N GLY B 156 -14.38 7.80 16.52
CA GLY B 156 -13.05 7.67 17.09
C GLY B 156 -12.23 6.67 16.29
N ALA B 157 -10.96 6.54 16.65
CA ALA B 157 -10.08 5.63 15.94
C ALA B 157 -8.92 5.15 16.79
N LEU B 158 -8.59 3.87 16.65
CA LEU B 158 -7.47 3.30 17.37
C LEU B 158 -6.69 2.45 16.38
N LEU B 159 -5.41 2.27 16.65
CA LEU B 159 -4.54 1.51 15.77
C LEU B 159 -3.68 0.52 16.56
N GLY B 160 -3.72 -0.74 16.16
CA GLY B 160 -2.89 -1.75 16.80
C GLY B 160 -1.58 -1.68 16.05
N TYR B 161 -0.53 -1.18 16.69
CA TYR B 161 0.75 -1.02 16.00
C TYR B 161 1.94 -1.72 16.67
N ASP B 162 2.51 -2.69 15.97
CA ASP B 162 3.66 -3.42 16.46
C ASP B 162 4.82 -3.31 15.46
N ALA B 163 4.74 -2.30 14.60
CA ALA B 163 5.76 -2.02 13.59
C ALA B 163 5.96 -3.12 12.55
N SER B 164 5.03 -4.06 12.48
CA SER B 164 5.12 -5.13 11.50
C SER B 164 4.73 -4.55 10.14
N GLU B 165 5.04 -5.27 9.06
CA GLU B 165 4.72 -4.76 7.73
C GLU B 165 3.26 -4.39 7.57
N SER B 166 2.36 -5.28 7.99
CA SER B 166 0.94 -5.00 7.87
C SER B 166 0.49 -3.88 8.80
N ALA B 167 1.11 -3.76 9.96
CA ALA B 167 0.74 -2.69 10.88
C ALA B 167 1.12 -1.36 10.23
N VAL B 168 2.22 -1.37 9.47
CA VAL B 168 2.68 -0.18 8.78
C VAL B 168 1.66 0.20 7.71
N ARG B 169 1.18 -0.80 6.97
CA ARG B 169 0.18 -0.53 5.94
C ARG B 169 -1.10 0.01 6.57
N ALA B 170 -1.48 -0.55 7.72
CA ALA B 170 -2.69 -0.12 8.42
C ALA B 170 -2.51 1.34 8.87
N LEU B 171 -1.33 1.64 9.38
CA LEU B 171 -1.01 2.98 9.83
C LEU B 171 -1.14 3.98 8.68
N HIS B 172 -0.55 3.64 7.54
CA HIS B 172 -0.60 4.53 6.39
C HIS B 172 -2.00 4.63 5.80
N ALA B 173 -2.77 3.56 5.92
CA ALA B 173 -4.13 3.54 5.40
C ALA B 173 -5.08 4.39 6.27
N LEU B 174 -4.87 4.34 7.58
CA LEU B 174 -5.70 5.08 8.52
C LEU B 174 -5.54 6.60 8.48
N ALA B 175 -4.31 7.05 8.33
CA ALA B 175 -4.01 8.48 8.32
C ALA B 175 -4.94 9.36 7.49
N PRO B 176 -5.09 9.06 6.18
CA PRO B 176 -5.97 9.89 5.32
C PRO B 176 -7.41 9.92 5.80
N LEU B 177 -7.89 8.80 6.33
CA LEU B 177 -9.26 8.71 6.83
C LEU B 177 -9.45 9.54 8.08
N ALA B 178 -8.55 9.39 9.05
CA ALA B 178 -8.65 10.13 10.30
C ALA B 178 -8.53 11.63 10.02
N ARG B 179 -7.67 12.00 9.08
CA ARG B 179 -7.49 13.39 8.72
C ARG B 179 -8.76 14.00 8.14
N ALA B 180 -9.34 13.32 7.16
CA ALA B 180 -10.55 13.81 6.51
C ALA B 180 -11.74 13.91 7.47
N LEU B 181 -11.76 13.03 8.47
CA LEU B 181 -12.85 13.00 9.43
C LEU B 181 -12.59 13.79 10.71
N GLY B 182 -11.35 14.27 10.87
CA GLY B 182 -11.01 15.04 12.05
C GLY B 182 -11.04 14.19 13.31
N LEU B 183 -10.58 12.94 13.20
CA LEU B 183 -10.56 12.05 14.35
C LEU B 183 -9.14 11.84 14.85
N GLY B 184 -8.99 11.85 16.17
CA GLY B 184 -7.68 11.62 16.74
C GLY B 184 -7.50 10.12 16.78
N VAL B 185 -6.25 9.66 16.82
CA VAL B 185 -6.00 8.24 16.83
C VAL B 185 -5.28 7.78 18.11
N ARG B 186 -5.80 6.75 18.74
CA ARG B 186 -5.18 6.19 19.93
C ARG B 186 -4.32 5.03 19.45
N VAL B 187 -3.00 5.19 19.57
CA VAL B 187 -2.08 4.13 19.15
C VAL B 187 -1.89 3.16 20.31
N VAL B 188 -2.14 1.87 20.03
CA VAL B 188 -2.01 0.82 21.02
C VAL B 188 -0.88 -0.13 20.63
N SER B 189 0.17 -0.17 21.44
CA SER B 189 1.31 -1.03 21.19
C SER B 189 1.51 -1.95 22.40
N VAL B 190 1.50 -3.26 22.16
CA VAL B 190 1.63 -4.22 23.23
C VAL B 190 2.87 -5.12 23.15
N HIS B 191 3.59 -5.22 24.27
CA HIS B 191 4.78 -6.06 24.32
C HIS B 191 5.29 -6.16 25.75
N GLU B 192 5.88 -7.31 26.08
CA GLU B 192 6.42 -7.55 27.42
C GLU B 192 7.48 -6.50 27.76
N ASP B 193 8.22 -6.09 26.74
CA ASP B 193 9.26 -5.08 26.91
C ASP B 193 8.64 -3.70 26.70
N PRO B 194 8.44 -2.94 27.79
CA PRO B 194 7.84 -1.60 27.71
C PRO B 194 8.58 -0.65 26.77
N ALA B 195 9.90 -0.74 26.75
CA ALA B 195 10.70 0.12 25.89
C ALA B 195 10.38 -0.13 24.42
N ARG B 196 10.27 -1.41 24.05
CA ARG B 196 9.97 -1.78 22.67
C ARG B 196 8.58 -1.30 22.25
N ALA B 197 7.61 -1.45 23.14
CA ALA B 197 6.24 -1.02 22.85
C ALA B 197 6.16 0.50 22.70
N GLU B 198 6.90 1.22 23.54
CA GLU B 198 6.89 2.68 23.49
C GLU B 198 7.51 3.16 22.18
N ALA B 199 8.59 2.51 21.75
CA ALA B 199 9.26 2.88 20.52
C ALA B 199 8.26 2.70 19.37
N TRP B 200 7.52 1.60 19.42
CA TRP B 200 6.52 1.34 18.38
C TRP B 200 5.48 2.45 18.39
N ALA B 201 4.90 2.70 19.55
CA ALA B 201 3.87 3.72 19.72
C ALA B 201 4.32 5.10 19.25
N LEU B 202 5.51 5.51 19.66
CA LEU B 202 6.03 6.81 19.28
C LEU B 202 6.20 6.91 17.77
N GLU B 203 6.63 5.82 17.15
CA GLU B 203 6.84 5.79 15.71
C GLU B 203 5.53 6.07 14.98
N ALA B 204 4.46 5.40 15.41
CA ALA B 204 3.14 5.60 14.79
C ALA B 204 2.62 7.01 15.06
N GLU B 205 2.77 7.49 16.28
CA GLU B 205 2.30 8.83 16.63
C GLU B 205 3.00 9.87 15.77
N ALA B 206 4.30 9.70 15.57
CA ALA B 206 5.08 10.63 14.77
C ALA B 206 4.59 10.66 13.33
N TYR B 207 4.31 9.49 12.78
CA TYR B 207 3.80 9.39 11.42
C TYR B 207 2.46 10.11 11.31
N LEU B 208 1.54 9.78 12.20
CA LEU B 208 0.23 10.40 12.18
C LEU B 208 0.31 11.93 12.27
N ARG B 209 1.10 12.45 13.20
CA ARG B 209 1.23 13.89 13.35
C ARG B 209 1.87 14.53 12.12
N ASP B 210 2.78 13.79 11.49
CA ASP B 210 3.46 14.28 10.29
C ASP B 210 2.46 14.36 9.15
N HIS B 211 1.34 13.65 9.30
CA HIS B 211 0.30 13.65 8.28
C HIS B 211 -0.98 14.37 8.70
N GLY B 212 -0.84 15.29 9.65
CA GLY B 212 -1.96 16.09 10.12
C GLY B 212 -3.01 15.43 10.97
N VAL B 213 -2.64 14.35 11.66
CA VAL B 213 -3.57 13.63 12.52
C VAL B 213 -3.09 13.66 13.96
N GLU B 214 -3.98 14.07 14.87
CA GLU B 214 -3.59 14.10 16.27
C GLU B 214 -3.56 12.67 16.78
N ALA B 215 -2.63 12.37 17.68
CA ALA B 215 -2.51 11.01 18.18
C ALA B 215 -2.07 10.94 19.63
N SER B 216 -2.40 9.82 20.26
CA SER B 216 -2.03 9.56 21.65
C SER B 216 -1.57 8.11 21.64
N ALA B 217 -1.03 7.63 22.75
CA ALA B 217 -0.57 6.25 22.79
C ALA B 217 -0.88 5.54 24.08
N LEU B 218 -1.05 4.22 23.96
CA LEU B 218 -1.32 3.37 25.09
C LEU B 218 -0.31 2.25 24.98
N VAL B 219 0.68 2.27 25.86
CA VAL B 219 1.74 1.26 25.86
C VAL B 219 1.36 0.23 26.91
N LEU B 220 1.08 -0.99 26.47
CA LEU B 220 0.64 -2.04 27.38
C LEU B 220 1.41 -3.35 27.26
N GLY B 221 1.14 -4.25 28.19
CA GLY B 221 1.74 -5.56 28.19
C GLY B 221 0.55 -6.51 28.13
N GLY B 222 0.77 -7.79 28.35
CA GLY B 222 -0.34 -8.73 28.33
C GLY B 222 -0.78 -9.18 26.94
N ASP B 223 -2.07 -9.46 26.81
CA ASP B 223 -2.62 -9.93 25.54
C ASP B 223 -3.10 -8.79 24.65
N ALA B 224 -2.46 -8.65 23.49
CA ALA B 224 -2.78 -7.60 22.53
C ALA B 224 -4.23 -7.61 22.06
N ALA B 225 -4.70 -8.78 21.63
CA ALA B 225 -6.08 -8.89 21.15
C ALA B 225 -7.10 -8.49 22.21
N ASP B 226 -6.89 -8.94 23.44
CA ASP B 226 -7.82 -8.61 24.51
C ASP B 226 -7.86 -7.11 24.74
N HIS B 227 -6.69 -6.47 24.74
CA HIS B 227 -6.62 -5.02 24.95
C HIS B 227 -7.32 -4.28 23.82
N LEU B 228 -6.99 -4.64 22.59
CA LEU B 228 -7.59 -3.99 21.44
C LEU B 228 -9.12 -4.12 21.43
N LEU B 229 -9.61 -5.33 21.69
CA LEU B 229 -11.05 -5.56 21.71
C LEU B 229 -11.76 -4.72 22.76
N ARG B 230 -11.20 -4.72 23.97
CA ARG B 230 -11.77 -4.00 25.10
C ARG B 230 -11.74 -2.48 24.97
N LEU B 231 -10.81 -1.96 24.18
CA LEU B 231 -10.68 -0.52 23.99
C LEU B 231 -11.54 0.07 22.89
N GLN B 232 -12.12 -0.80 22.06
CA GLN B 232 -12.94 -0.34 20.94
C GLN B 232 -14.42 -0.10 21.25
N GLY B 233 -14.84 1.15 21.08
CA GLY B 233 -16.22 1.50 21.31
C GLY B 233 -17.01 1.19 20.04
N PRO B 234 -18.35 1.23 20.10
CA PRO B 234 -19.18 0.93 18.92
C PRO B 234 -18.92 1.81 17.71
N GLY B 235 -18.46 3.04 17.95
CA GLY B 235 -18.20 3.96 16.86
C GLY B 235 -16.72 4.17 16.58
N ASP B 236 -15.86 3.36 17.22
CA ASP B 236 -14.44 3.49 17.01
C ASP B 236 -13.96 2.60 15.86
N LEU B 237 -13.19 3.18 14.95
CA LEU B 237 -12.63 2.43 13.84
C LEU B 237 -11.32 1.86 14.36
N LEU B 238 -11.24 0.53 14.40
CA LEU B 238 -10.04 -0.15 14.87
C LEU B 238 -9.25 -0.60 13.65
N ALA B 239 -8.08 -0.02 13.45
CA ALA B 239 -7.24 -0.35 12.32
C ALA B 239 -6.10 -1.29 12.73
N LEU B 240 -5.88 -2.32 11.93
CA LEU B 240 -4.81 -3.27 12.22
C LEU B 240 -4.46 -4.08 10.98
N GLY B 241 -3.30 -4.72 11.01
CA GLY B 241 -2.90 -5.52 9.87
C GLY B 241 -3.78 -6.75 9.77
N ALA B 242 -4.01 -7.21 8.55
CA ALA B 242 -4.84 -8.39 8.32
C ALA B 242 -4.07 -9.64 8.71
N PRO B 243 -4.78 -10.68 9.15
CA PRO B 243 -4.10 -11.91 9.53
C PRO B 243 -3.54 -12.62 8.30
N VAL B 244 -2.61 -13.54 8.53
CA VAL B 244 -2.02 -14.30 7.43
C VAL B 244 -2.35 -15.78 7.68
N ARG B 245 -1.71 -16.39 8.66
CA ARG B 245 -1.99 -17.78 8.97
C ARG B 245 -3.37 -17.92 9.60
N ARG B 246 -3.94 -19.13 9.53
CA ARG B 246 -5.23 -19.41 10.15
C ARG B 246 -4.89 -20.29 11.35
N LEU B 247 -4.50 -19.64 12.45
CA LEU B 247 -4.11 -20.38 13.66
C LEU B 247 -5.30 -21.00 14.37
N VAL B 248 -5.07 -22.15 14.99
CA VAL B 248 -6.13 -22.85 15.70
C VAL B 248 -6.77 -21.98 16.78
N PHE B 249 -5.94 -21.32 17.59
CA PHE B 249 -6.44 -20.46 18.65
C PHE B 249 -6.53 -19.02 18.19
N GLY B 250 -6.12 -18.78 16.95
CA GLY B 250 -6.17 -17.46 16.37
C GLY B 250 -5.03 -16.52 16.68
N SER B 251 -4.56 -15.81 15.66
CA SER B 251 -3.50 -14.83 15.84
C SER B 251 -4.21 -13.61 16.42
N THR B 252 -3.44 -12.59 16.76
CA THR B 252 -3.99 -11.37 17.34
C THR B 252 -5.11 -10.78 16.46
N ALA B 253 -4.82 -10.55 15.18
CA ALA B 253 -5.84 -9.98 14.30
C ALA B 253 -7.03 -10.90 14.09
N GLU B 254 -6.80 -12.21 14.07
CA GLU B 254 -7.89 -13.14 13.90
C GLU B 254 -8.87 -13.03 15.06
N ARG B 255 -8.33 -12.94 16.27
CA ARG B 255 -9.18 -12.83 17.45
C ARG B 255 -9.90 -11.49 17.51
N VAL B 256 -9.19 -10.41 17.18
CA VAL B 256 -9.78 -9.08 17.20
C VAL B 256 -10.91 -8.97 16.18
N ILE B 257 -10.63 -9.32 14.93
CA ILE B 257 -11.64 -9.24 13.89
C ILE B 257 -12.87 -10.10 14.17
N ARG B 258 -12.66 -11.31 14.66
CA ARG B 258 -13.79 -12.20 14.94
C ARG B 258 -14.74 -11.67 16.01
N ASN B 259 -14.18 -11.01 17.03
CA ASN B 259 -14.99 -10.51 18.13
C ASN B 259 -15.20 -9.00 18.20
N ALA B 260 -14.71 -8.27 17.20
CA ALA B 260 -14.82 -6.81 17.18
C ALA B 260 -16.22 -6.25 17.38
N GLN B 261 -16.32 -5.22 18.23
CA GLN B 261 -17.59 -4.58 18.55
C GLN B 261 -17.93 -3.44 17.59
N GLY B 262 -16.90 -2.86 16.95
CA GLY B 262 -17.14 -1.76 16.04
C GLY B 262 -16.48 -1.99 14.69
N PRO B 263 -16.51 -0.99 13.81
CA PRO B 263 -15.91 -1.08 12.48
C PRO B 263 -14.40 -1.35 12.56
N VAL B 264 -13.90 -2.15 11.63
CA VAL B 264 -12.48 -2.47 11.59
C VAL B 264 -11.89 -2.16 10.21
N LEU B 265 -10.67 -1.63 10.21
CA LEU B 265 -9.96 -1.32 8.96
C LEU B 265 -8.76 -2.25 8.91
N THR B 266 -8.73 -3.16 7.95
CA THR B 266 -7.61 -4.09 7.82
C THR B 266 -6.78 -3.71 6.59
N ALA B 267 -5.49 -3.98 6.65
CA ALA B 267 -4.59 -3.68 5.55
C ALA B 267 -3.51 -4.73 5.47
N ARG B 268 -3.04 -4.99 4.25
CA ARG B 268 -2.00 -5.96 3.99
C ARG B 268 -1.39 -5.70 2.62
#